data_6X7P
#
_entry.id   6X7P
#
_cell.length_a   61.087
_cell.length_b   61.087
_cell.length_c   312.986
_cell.angle_alpha   90.00
_cell.angle_beta   90.00
_cell.angle_gamma   120.00
#
_symmetry.space_group_name_H-M   'P 61 2 2'
#
loop_
_entity.id
_entity.type
_entity.pdbx_description
1 polymer 'Conserved hypthetical protein'
2 non-polymer '(2~{R})-1-[2-[3-[[(2~{R})-4-[[[(2~{R},3~{S},4~{R},5~{R})-5-(6-aminopurin-9-yl)-4-oxidanyl-3-phosphonooxy-oxolan-2-yl]methoxy-oxidanyl-phosphoryl]oxy-oxidanyl-phosphoryl]oxy-3,3-dimethyl-2-oxidanyl-butanoyl]amino]propanoylamino]ethoxy]-1-oxidanylidene-propane-2-sulfonic acid'
3 non-polymer '(2~{S})-1-[2-[3-[[(2~{R})-4-[[[(2~{R},3~{S},4~{R},5~{R})-5-(6-aminopurin-9-yl)-4-oxidanyl-3-phosphonooxy-oxolan-2-yl]methoxy-oxidanyl-phosphoryl]oxy-oxidanyl-phosphoryl]oxy-3,3-dimethyl-2-oxidanyl-butanoyl]amino]propanoylamino]ethoxy]-1-oxidanylidene-propane-2-sulfonic acid'
4 non-polymer 'SULFATE ION'
5 water water
#
_entity_poly.entity_id   1
_entity_poly.type   'polypeptide(L)'
_entity_poly.pdbx_seq_one_letter_code
;STITSSLDVRPEIKQAVTVRPGMCGPGSLFVGQLGDWTWETVSAQCDTDVFAARDASGNPTYLAFYYFRVRGGRELHPGS
LTFGDRLTVTSGCYDQGTESVLTLHRIDRAGSDDAQRPLDLHEFYERPRDGSLYVENFNRWVTRSAPGSNEDLVKSSPPG
FRNDGLPQLPAAYSPRAVYREARTAHTFRALDEPGFRLLPDTVEVEHPVDIVRDVNGVGLLYFASYFSMVDKAALALWRR
LGRSDRAFLRRVVVDQQMCYLGNADLDSVLTLGARVRVSTETPGEELVDVVISDRDSGRVIAVSTLHTQHDAHDPKGEA
;
_entity_poly.pdbx_strand_id   A
#
# COMPACT_ATOMS: atom_id res chain seq x y z
N ARG A 10 -13.33 -0.07 19.42
CA ARG A 10 -13.64 1.39 19.53
C ARG A 10 -12.36 2.17 19.80
N PRO A 11 -11.55 1.93 20.87
CA PRO A 11 -10.36 2.75 21.06
C PRO A 11 -9.35 2.51 19.91
N GLU A 12 -8.68 3.57 19.49
CA GLU A 12 -7.50 3.47 18.59
C GLU A 12 -6.42 2.66 19.30
N ILE A 13 -5.58 2.00 18.52
CA ILE A 13 -4.44 1.23 19.10
C ILE A 13 -3.15 2.00 18.94
N LYS A 14 -2.51 2.29 20.08
CA LYS A 14 -1.18 2.95 20.14
C LYS A 14 -0.11 1.87 20.46
N GLN A 15 0.99 1.91 19.75
CA GLN A 15 2.11 0.96 19.97
C GLN A 15 3.41 1.75 19.96
N ALA A 16 4.36 1.37 20.83
CA ALA A 16 5.75 1.83 20.76
C ALA A 16 6.48 0.74 19.98
N VAL A 17 7.14 1.11 18.90
CA VAL A 17 7.77 0.09 18.00
C VAL A 17 9.23 0.43 17.84
N THR A 18 10.11 -0.57 17.99
CA THR A 18 11.55 -0.44 17.71
C THR A 18 11.80 -1.08 16.35
N VAL A 19 12.36 -0.32 15.43
CA VAL A 19 12.53 -0.82 14.05
C VAL A 19 13.45 -2.05 14.07
N ARG A 20 12.91 -3.16 13.52
CA ARG A 20 13.62 -4.47 13.45
C ARG A 20 14.08 -4.71 12.02
N PRO A 21 15.07 -5.59 11.81
CA PRO A 21 15.46 -5.96 10.44
C PRO A 21 14.29 -6.46 9.59
N GLY A 22 13.32 -7.13 10.20
CA GLY A 22 12.14 -7.69 9.50
C GLY A 22 11.10 -6.68 9.09
N MET A 23 11.32 -5.36 9.26
CA MET A 23 10.29 -4.34 8.89
C MET A 23 10.91 -3.11 8.26
N CYS A 24 12.09 -3.16 7.63
CA CYS A 24 12.70 -1.98 6.97
C CYS A 24 13.64 -2.39 5.84
N GLY A 25 14.27 -1.40 5.20
CA GLY A 25 15.20 -1.67 4.10
C GLY A 25 14.53 -1.41 2.76
N PRO A 26 15.29 -1.63 1.66
CA PRO A 26 14.77 -1.26 0.33
C PRO A 26 13.83 -2.27 -0.32
N GLY A 27 13.53 -3.34 0.38
CA GLY A 27 12.52 -4.32 -0.03
C GLY A 27 11.13 -3.94 0.46
N SER A 28 10.28 -4.96 0.56
CA SER A 28 8.86 -4.79 0.88
C SER A 28 8.56 -5.14 2.33
N LEU A 29 9.57 -5.23 3.21
CA LEU A 29 9.32 -5.68 4.61
C LEU A 29 8.48 -4.67 5.39
N PHE A 30 8.69 -3.40 5.19
CA PHE A 30 7.92 -2.36 5.92
C PHE A 30 6.45 -2.44 5.52
N VAL A 31 6.14 -2.49 4.21
CA VAL A 31 4.77 -2.68 3.73
C VAL A 31 4.19 -3.99 4.31
N GLY A 32 4.98 -5.07 4.36
CA GLY A 32 4.50 -6.32 4.98
C GLY A 32 4.10 -6.12 6.45
N GLN A 33 4.90 -5.37 7.20
CA GLN A 33 4.54 -5.09 8.62
C GLN A 33 3.28 -4.22 8.68
N LEU A 34 3.14 -3.21 7.81
CA LEU A 34 1.92 -2.41 7.82
C LEU A 34 0.68 -3.28 7.60
N GLY A 35 0.73 -4.23 6.66
CA GLY A 35 -0.44 -5.07 6.40
C GLY A 35 -0.76 -6.01 7.58
N ASP A 36 0.26 -6.49 8.28
CA ASP A 36 -0.01 -7.35 9.47
C ASP A 36 -0.69 -6.44 10.54
N TRP A 37 -0.19 -5.23 10.74
CA TRP A 37 -0.84 -4.28 11.67
C TRP A 37 -2.31 -4.05 11.27
N THR A 38 -2.62 -3.87 9.98
CA THR A 38 -4.00 -3.74 9.52
C THR A 38 -4.83 -4.95 10.00
N TRP A 39 -4.37 -6.18 9.78
CA TRP A 39 -5.15 -7.36 10.15
C TRP A 39 -5.31 -7.39 11.69
N GLU A 40 -4.32 -6.96 12.46
CA GLU A 40 -4.44 -6.93 13.95
C GLU A 40 -5.49 -5.89 14.33
N THR A 41 -5.47 -4.72 13.70
CA THR A 41 -6.34 -3.59 14.11
C THR A 41 -7.79 -3.93 13.82
N VAL A 42 -8.09 -4.43 12.62
CA VAL A 42 -9.44 -4.88 12.23
C VAL A 42 -9.88 -5.97 13.23
N SER A 43 -9.01 -6.95 13.53
CA SER A 43 -9.39 -8.04 14.48
C SER A 43 -9.85 -7.41 15.79
N ALA A 44 -9.13 -6.45 16.30
CA ALA A 44 -9.39 -5.87 17.63
C ALA A 44 -10.68 -5.04 17.56
N GLN A 45 -10.91 -4.30 16.48
CA GLN A 45 -12.01 -3.29 16.43
C GLN A 45 -13.29 -3.89 15.87
N CYS A 46 -13.26 -5.03 15.17
CA CYS A 46 -14.41 -5.63 14.44
C CYS A 46 -14.83 -6.99 15.00
N ASP A 47 -14.24 -7.36 16.15
CA ASP A 47 -14.57 -8.58 16.93
C ASP A 47 -14.55 -9.82 16.04
N THR A 48 -13.51 -9.96 15.20
CA THR A 48 -13.39 -11.01 14.18
C THR A 48 -11.92 -11.43 14.18
N ASP A 49 -11.64 -12.71 14.16
CA ASP A 49 -10.22 -13.14 14.04
C ASP A 49 -9.93 -13.10 12.53
N VAL A 50 -9.34 -12.02 12.07
CA VAL A 50 -9.09 -11.86 10.60
C VAL A 50 -8.11 -12.96 10.12
N PHE A 51 -7.23 -13.41 11.00
CA PHE A 51 -6.17 -14.37 10.62
C PHE A 51 -6.77 -15.74 10.32
N ALA A 52 -7.92 -16.08 10.92
CA ALA A 52 -8.54 -17.40 10.76
C ALA A 52 -10.00 -17.26 10.33
N ALA A 53 -10.33 -16.26 9.54
CA ALA A 53 -11.74 -15.98 9.19
C ALA A 53 -12.28 -17.03 8.21
N ARG A 54 -13.57 -17.38 8.38
CA ARG A 54 -14.28 -18.36 7.52
C ARG A 54 -15.70 -17.84 7.27
N ASP A 55 -16.28 -18.13 6.11
CA ASP A 55 -17.72 -17.81 5.86
C ASP A 55 -18.63 -18.89 6.49
N ALA A 56 -19.93 -18.90 6.19
CA ALA A 56 -20.90 -19.78 6.88
C ALA A 56 -20.66 -21.25 6.52
N SER A 57 -20.14 -21.53 5.32
CA SER A 57 -19.87 -22.93 4.89
C SER A 57 -18.50 -23.37 5.40
N GLY A 58 -17.77 -22.50 6.10
CA GLY A 58 -16.41 -22.83 6.60
C GLY A 58 -15.32 -22.63 5.55
N ASN A 59 -15.60 -21.92 4.44
CA ASN A 59 -14.59 -21.61 3.40
C ASN A 59 -13.73 -20.48 3.97
N PRO A 60 -12.40 -20.55 3.86
CA PRO A 60 -11.57 -19.44 4.32
C PRO A 60 -11.93 -18.15 3.59
N THR A 61 -11.92 -17.02 4.32
CA THR A 61 -12.14 -15.71 3.71
C THR A 61 -10.97 -14.82 4.13
N TYR A 62 -10.41 -14.12 3.17
CA TYR A 62 -9.16 -13.33 3.36
C TYR A 62 -9.50 -11.84 3.25
N LEU A 63 -8.95 -11.01 4.14
CA LEU A 63 -9.18 -9.56 4.10
C LEU A 63 -8.15 -8.95 3.14
N ALA A 64 -8.43 -9.13 1.85
CA ALA A 64 -7.49 -8.80 0.75
C ALA A 64 -7.22 -7.29 0.73
N PHE A 65 -6.02 -6.94 0.27
CA PHE A 65 -5.63 -5.52 0.09
C PHE A 65 -6.19 -5.04 -1.24
N TYR A 66 -6.77 -3.85 -1.29
CA TYR A 66 -7.37 -3.29 -2.53
C TYR A 66 -6.74 -1.94 -2.82
N TYR A 67 -6.67 -1.05 -1.86
CA TYR A 67 -6.03 0.28 -2.08
C TYR A 67 -5.06 0.50 -0.92
N PHE A 68 -3.86 0.97 -1.23
CA PHE A 68 -2.76 1.12 -0.25
C PHE A 68 -2.07 2.42 -0.54
N ARG A 69 -1.90 3.27 0.47
CA ARG A 69 -1.12 4.51 0.35
C ARG A 69 -0.14 4.62 1.52
N VAL A 70 1.07 5.01 1.21
CA VAL A 70 2.11 5.38 2.19
C VAL A 70 2.56 6.77 1.81
N ARG A 71 2.23 7.76 2.65
CA ARG A 71 2.62 9.14 2.35
C ARG A 71 3.58 9.60 3.47
N GLY A 72 4.76 10.05 3.07
CA GLY A 72 5.75 10.61 4.01
C GLY A 72 6.18 11.97 3.54
N GLY A 73 7.47 12.12 3.47
CA GLY A 73 8.12 13.39 3.08
C GLY A 73 9.59 13.31 3.33
N ARG A 74 10.31 14.38 3.03
CA ARG A 74 11.78 14.39 3.21
C ARG A 74 12.12 14.14 4.67
N GLU A 75 11.34 14.58 5.64
CA GLU A 75 11.73 14.43 7.07
C GLU A 75 11.47 13.02 7.60
N LEU A 76 10.50 12.27 7.05
CA LEU A 76 10.29 10.87 7.45
C LEU A 76 9.67 10.14 6.27
N HIS A 77 10.41 9.20 5.68
CA HIS A 77 9.92 8.38 4.55
C HIS A 77 10.34 6.96 4.87
N PRO A 78 9.89 5.93 4.16
CA PRO A 78 10.25 4.57 4.57
C PRO A 78 11.75 4.29 4.51
N GLY A 79 12.49 4.95 3.64
CA GLY A 79 13.96 4.77 3.56
C GLY A 79 14.72 5.42 4.71
N SER A 80 14.06 6.25 5.54
CA SER A 80 14.59 6.91 6.74
C SER A 80 14.76 5.85 7.82
N LEU A 81 13.99 4.77 7.79
CA LEU A 81 13.91 3.86 8.96
C LEU A 81 15.11 2.93 8.98
N THR A 82 15.81 2.89 10.11
CA THR A 82 17.00 2.01 10.32
C THR A 82 16.86 1.28 11.63
N PHE A 83 17.65 0.22 11.75
CA PHE A 83 17.57 -0.66 12.93
C PHE A 83 17.61 0.20 14.21
N GLY A 84 16.69 -0.08 15.11
CA GLY A 84 16.71 0.46 16.48
C GLY A 84 16.00 1.80 16.58
N ASP A 85 15.56 2.41 15.47
CA ASP A 85 14.76 3.66 15.56
C ASP A 85 13.54 3.40 16.42
N ARG A 86 13.18 4.39 17.25
CA ARG A 86 12.00 4.27 18.12
C ARG A 86 10.83 5.04 17.49
N LEU A 87 9.72 4.36 17.25
CA LEU A 87 8.52 4.92 16.58
C LEU A 87 7.30 4.86 17.51
N THR A 88 6.33 5.73 17.24
N THR A 88 6.32 5.73 17.26
CA THR A 88 4.95 5.63 17.77
CA THR A 88 4.95 5.53 17.77
C THR A 88 3.99 5.32 16.61
C THR A 88 4.05 5.26 16.59
N VAL A 89 3.16 4.28 16.77
CA VAL A 89 2.17 3.89 15.74
C VAL A 89 0.80 4.05 16.34
N THR A 90 -0.09 4.74 15.63
CA THR A 90 -1.50 4.94 16.02
C THR A 90 -2.37 4.40 14.90
N SER A 91 -3.23 3.45 15.21
CA SER A 91 -4.03 2.69 14.23
C SER A 91 -5.51 2.70 14.58
N GLY A 92 -6.38 2.79 13.56
CA GLY A 92 -7.83 2.65 13.74
C GLY A 92 -8.54 2.38 12.44
N CYS A 93 -9.73 1.85 12.52
CA CYS A 93 -10.59 1.48 11.40
C CYS A 93 -11.76 2.47 11.24
N TYR A 94 -12.21 2.62 10.01
CA TYR A 94 -13.33 3.46 9.54
C TYR A 94 -14.30 2.59 8.77
N ASP A 95 -15.59 2.81 9.02
CA ASP A 95 -16.69 2.02 8.41
C ASP A 95 -16.73 2.20 6.89
N GLN A 96 -16.65 1.11 6.15
CA GLN A 96 -16.86 1.06 4.69
C GLN A 96 -17.92 0.01 4.37
N GLY A 97 -18.77 -0.29 5.37
CA GLY A 97 -19.82 -1.31 5.20
C GLY A 97 -19.38 -2.69 5.70
N THR A 98 -20.02 -3.74 5.18
CA THR A 98 -19.79 -5.10 5.72
C THR A 98 -18.78 -5.85 4.85
N GLU A 99 -18.46 -5.39 3.65
CA GLU A 99 -17.61 -6.21 2.74
C GLU A 99 -16.18 -5.63 2.66
N SER A 100 -15.97 -4.48 3.29
CA SER A 100 -14.73 -3.68 3.13
C SER A 100 -14.52 -2.91 4.42
N VAL A 101 -13.31 -2.45 4.62
CA VAL A 101 -12.97 -1.65 5.82
C VAL A 101 -11.71 -0.87 5.50
N LEU A 102 -11.66 0.35 5.96
CA LEU A 102 -10.52 1.24 5.80
C LEU A 102 -9.78 1.23 7.14
N THR A 103 -8.46 0.96 7.09
CA THR A 103 -7.59 1.09 8.29
C THR A 103 -6.56 2.17 8.06
N LEU A 104 -6.33 3.02 9.05
CA LEU A 104 -5.33 4.06 8.98
C LEU A 104 -4.26 3.74 10.01
N HIS A 105 -3.02 4.05 9.68
CA HIS A 105 -1.88 4.05 10.60
C HIS A 105 -1.14 5.37 10.45
N ARG A 106 -0.84 6.04 11.55
CA ARG A 106 0.11 7.15 11.57
C ARG A 106 1.37 6.69 12.31
N ILE A 107 2.51 7.00 11.73
CA ILE A 107 3.84 6.70 12.29
C ILE A 107 4.57 8.00 12.51
N ASP A 108 5.00 8.19 13.75
CA ASP A 108 5.84 9.32 14.18
C ASP A 108 7.11 8.78 14.86
N ARG A 109 8.17 9.57 14.84
CA ARG A 109 9.34 9.27 15.71
C ARG A 109 8.87 9.40 17.15
N ALA A 110 9.26 8.46 18.02
N ALA A 110 9.25 8.43 17.99
CA ALA A 110 8.72 8.35 19.39
CA ALA A 110 8.93 8.48 19.44
C ALA A 110 8.91 9.66 20.18
C ALA A 110 9.50 9.78 20.02
N GLY A 111 9.94 10.46 19.86
N GLY A 111 8.72 10.38 20.92
CA GLY A 111 10.34 11.65 20.66
CA GLY A 111 9.14 11.57 21.69
C GLY A 111 9.85 12.97 20.07
C GLY A 111 8.92 12.84 20.90
N SER A 112 9.03 12.93 19.02
N SER A 112 8.54 12.71 19.61
CA SER A 112 8.51 14.13 18.33
CA SER A 112 8.20 13.85 18.72
C SER A 112 7.39 14.76 19.18
C SER A 112 7.06 14.65 19.36
N ASP A 113 7.03 16.01 18.85
N ASP A 113 7.10 15.98 19.25
CA ASP A 113 6.32 16.97 19.74
CA ASP A 113 6.00 16.82 19.81
C ASP A 113 4.93 16.45 20.16
C ASP A 113 4.67 16.32 19.23
N ASP A 114 3.99 16.27 19.22
N ASP A 114 3.72 16.01 20.11
CA ASP A 114 2.61 15.81 19.52
CA ASP A 114 2.30 15.71 19.76
C ASP A 114 2.42 14.42 18.89
C ASP A 114 2.19 14.27 19.20
N ALA A 115 3.25 13.45 19.28
CA ALA A 115 3.16 12.05 18.81
C ALA A 115 1.98 11.32 19.47
N GLN A 116 1.49 11.79 20.61
CA GLN A 116 0.36 11.14 21.32
C GLN A 116 -0.99 11.50 20.69
N ARG A 117 -1.06 12.46 19.74
CA ARG A 117 -2.36 12.92 19.17
C ARG A 117 -3.10 11.75 18.54
N PRO A 118 -4.43 11.72 18.61
CA PRO A 118 -5.21 10.67 17.95
C PRO A 118 -5.22 10.83 16.41
N LEU A 119 -5.81 9.86 15.76
CA LEU A 119 -6.05 9.93 14.29
C LEU A 119 -6.92 11.16 13.98
N ASP A 120 -6.58 11.83 12.90
CA ASP A 120 -7.31 13.05 12.45
C ASP A 120 -7.49 12.95 10.93
N LEU A 121 -8.72 12.70 10.50
CA LEU A 121 -9.01 12.52 9.05
C LEU A 121 -8.56 13.73 8.25
N HIS A 122 -8.79 14.93 8.77
CA HIS A 122 -8.37 16.15 8.05
C HIS A 122 -6.85 16.18 7.86
N GLU A 123 -6.10 15.76 8.89
CA GLU A 123 -4.62 15.70 8.82
C GLU A 123 -4.23 14.65 7.76
N PHE A 124 -4.86 13.48 7.72
CA PHE A 124 -4.54 12.43 6.72
C PHE A 124 -4.87 12.87 5.30
N TYR A 125 -6.04 13.48 5.06
CA TYR A 125 -6.63 13.64 3.72
C TYR A 125 -6.33 15.04 3.15
N GLU A 126 -6.12 16.04 3.98
CA GLU A 126 -5.96 17.47 3.54
C GLU A 126 -4.66 18.13 4.06
N ARG A 127 -4.15 17.82 5.27
CA ARG A 127 -3.01 18.60 5.83
C ARG A 127 -1.97 17.64 6.41
N PRO A 128 -1.43 16.70 5.62
CA PRO A 128 -0.37 15.83 6.15
C PRO A 128 0.92 16.60 6.51
N ARG A 129 1.54 16.20 7.62
CA ARG A 129 2.74 16.90 8.18
C ARG A 129 4.04 16.23 7.74
N ASP A 130 5.00 17.01 7.29
CA ASP A 130 6.34 16.49 6.89
C ASP A 130 7.00 16.08 8.20
N GLY A 131 7.37 14.80 8.37
CA GLY A 131 7.85 14.27 9.65
C GLY A 131 6.99 13.16 10.21
N SER A 132 5.77 12.98 9.72
CA SER A 132 4.87 11.83 10.03
C SER A 132 4.67 10.99 8.77
N LEU A 133 4.46 9.69 8.96
CA LEU A 133 4.09 8.76 7.86
C LEU A 133 2.60 8.44 8.01
N TYR A 134 1.89 8.51 6.90
CA TYR A 134 0.44 8.28 6.82
C TYR A 134 0.16 7.06 5.94
N VAL A 135 -0.52 6.07 6.52
CA VAL A 135 -0.83 4.81 5.80
C VAL A 135 -2.33 4.61 5.74
N GLU A 136 -2.84 4.31 4.54
CA GLU A 136 -4.23 3.94 4.30
C GLU A 136 -4.24 2.55 3.73
N ASN A 137 -5.02 1.68 4.34
CA ASN A 137 -5.24 0.32 3.80
C ASN A 137 -6.74 0.13 3.66
N PHE A 138 -7.24 0.10 2.42
CA PHE A 138 -8.64 -0.25 2.10
C PHE A 138 -8.68 -1.70 1.68
N ASN A 139 -9.34 -2.54 2.46
CA ASN A 139 -9.32 -4.00 2.33
C ASN A 139 -10.74 -4.49 2.08
N ARG A 140 -10.81 -5.60 1.38
CA ARG A 140 -12.09 -6.22 0.95
C ARG A 140 -12.06 -7.72 1.22
N TRP A 141 -13.10 -8.25 1.86
CA TRP A 141 -13.19 -9.72 2.13
C TRP A 141 -13.42 -10.48 0.84
N VAL A 142 -12.62 -11.53 0.58
CA VAL A 142 -12.75 -12.36 -0.64
C VAL A 142 -12.64 -13.84 -0.26
N THR A 143 -13.19 -14.71 -1.11
N THR A 143 -13.20 -14.71 -1.11
CA THR A 143 -13.07 -16.18 -1.11
CA THR A 143 -13.02 -16.17 -1.13
C THR A 143 -12.69 -16.60 -2.55
C THR A 143 -12.63 -16.57 -2.56
N ARG A 144 -12.04 -17.75 -2.69
CA ARG A 144 -11.75 -18.33 -4.03
C ARG A 144 -13.08 -18.78 -4.65
N SER A 145 -13.23 -18.63 -5.97
CA SER A 145 -14.40 -19.16 -6.72
C SER A 145 -14.20 -20.63 -7.04
N ALA A 146 -12.95 -21.12 -7.03
CA ALA A 146 -12.58 -22.55 -7.20
C ALA A 146 -11.29 -22.84 -6.43
N PRO A 147 -11.14 -23.99 -5.71
CA PRO A 147 -9.88 -24.28 -5.02
C PRO A 147 -8.69 -24.26 -6.00
N GLY A 148 -7.57 -23.75 -5.51
CA GLY A 148 -6.35 -23.58 -6.32
C GLY A 148 -6.47 -22.56 -7.45
N SER A 149 -7.58 -21.85 -7.64
CA SER A 149 -7.66 -20.76 -8.65
C SER A 149 -7.48 -19.42 -7.93
N ASN A 150 -6.66 -18.54 -8.47
CA ASN A 150 -6.48 -17.18 -7.88
C ASN A 150 -7.21 -16.13 -8.69
N GLU A 151 -7.96 -16.51 -9.73
CA GLU A 151 -8.73 -15.55 -10.56
C GLU A 151 -10.20 -15.52 -10.13
N ASP A 152 -10.89 -14.41 -10.41
CA ASP A 152 -12.37 -14.34 -10.21
C ASP A 152 -12.68 -14.62 -8.74
N LEU A 153 -12.00 -13.88 -7.86
CA LEU A 153 -12.30 -13.96 -6.41
C LEU A 153 -13.69 -13.34 -6.17
N VAL A 154 -14.32 -13.84 -5.14
CA VAL A 154 -15.75 -13.58 -4.82
C VAL A 154 -15.83 -12.76 -3.55
N LYS A 155 -16.69 -11.75 -3.54
CA LYS A 155 -16.85 -10.85 -2.39
C LYS A 155 -17.52 -11.68 -1.29
N SER A 156 -17.09 -11.39 -0.07
CA SER A 156 -17.48 -12.15 1.13
C SER A 156 -17.59 -11.21 2.30
N SER A 157 -17.96 -11.76 3.45
CA SER A 157 -18.02 -11.05 4.72
C SER A 157 -18.11 -12.16 5.76
N PRO A 158 -17.13 -12.35 6.66
CA PRO A 158 -17.29 -13.41 7.66
C PRO A 158 -18.47 -13.14 8.59
N PRO A 159 -19.25 -14.19 8.96
CA PRO A 159 -20.32 -13.99 9.95
C PRO A 159 -19.77 -13.28 11.20
N GLY A 160 -20.51 -12.29 11.74
CA GLY A 160 -20.17 -11.57 12.98
C GLY A 160 -19.18 -10.42 12.78
N PHE A 161 -18.84 -10.11 11.53
CA PHE A 161 -17.97 -8.93 11.26
C PHE A 161 -18.68 -7.67 11.73
N ARG A 162 -18.10 -6.94 12.68
CA ARG A 162 -18.69 -5.78 13.37
C ARG A 162 -18.09 -4.50 12.79
N ASN A 163 -18.73 -3.95 11.73
CA ASN A 163 -18.38 -2.58 11.27
C ASN A 163 -19.22 -1.51 12.00
N ASP A 164 -20.32 -1.90 12.66
N ASP A 164 -20.37 -1.88 12.56
CA ASP A 164 -21.29 -0.98 13.32
CA ASP A 164 -21.28 -0.93 13.28
C ASP A 164 -20.59 -0.08 14.34
C ASP A 164 -20.49 -0.28 14.41
N GLY A 165 -19.52 -0.56 14.98
N GLY A 165 -20.62 1.04 14.56
CA GLY A 165 -18.79 0.17 16.04
CA GLY A 165 -19.93 1.81 15.62
C GLY A 165 -17.74 1.15 15.52
C GLY A 165 -18.52 2.19 15.24
N LEU A 166 -17.61 1.35 14.20
N LEU A 166 -18.01 1.67 14.11
CA LEU A 166 -16.51 2.19 13.68
CA LEU A 166 -16.74 2.19 13.55
C LEU A 166 -16.97 3.59 13.30
C LEU A 166 -17.00 3.64 13.19
N PRO A 167 -16.04 4.56 13.39
CA PRO A 167 -16.25 5.93 12.93
C PRO A 167 -16.45 6.05 11.42
N GLN A 168 -17.07 7.15 10.99
CA GLN A 168 -17.46 7.34 9.56
C GLN A 168 -16.52 8.33 8.90
N LEU A 169 -16.34 8.14 7.61
CA LEU A 169 -15.65 9.10 6.74
C LEU A 169 -16.71 10.04 6.22
N PRO A 170 -16.37 11.31 6.01
CA PRO A 170 -17.23 12.19 5.22
C PRO A 170 -17.13 11.87 3.74
N ALA A 171 -18.09 12.35 2.94
CA ALA A 171 -18.14 12.04 1.50
C ALA A 171 -16.85 12.51 0.82
N ALA A 172 -16.23 13.61 1.28
CA ALA A 172 -15.02 14.17 0.64
C ALA A 172 -13.86 13.17 0.56
N TYR A 173 -13.76 12.27 1.53
CA TYR A 173 -12.58 11.40 1.80
C TYR A 173 -13.02 10.03 1.28
N SER A 174 -12.58 9.69 0.10
CA SER A 174 -13.14 8.49 -0.58
C SER A 174 -12.03 7.68 -1.19
N PRO A 175 -11.55 6.63 -0.50
CA PRO A 175 -10.56 5.76 -1.11
C PRO A 175 -11.16 5.15 -2.37
N ARG A 176 -12.46 4.89 -2.38
CA ARG A 176 -13.10 4.28 -3.58
C ARG A 176 -12.98 5.19 -4.79
N ALA A 177 -13.24 6.48 -4.68
CA ALA A 177 -13.11 7.40 -5.84
C ALA A 177 -11.65 7.39 -6.32
N VAL A 178 -10.69 7.36 -5.39
CA VAL A 178 -9.26 7.43 -5.75
C VAL A 178 -8.92 6.20 -6.57
N TYR A 179 -9.30 5.03 -6.10
CA TYR A 179 -8.86 3.83 -6.83
C TYR A 179 -9.60 3.73 -8.18
N ARG A 180 -10.85 4.19 -8.25
CA ARG A 180 -11.62 4.15 -9.54
C ARG A 180 -10.90 4.99 -10.59
N GLU A 181 -10.38 6.14 -10.22
CA GLU A 181 -9.67 7.01 -11.17
C GLU A 181 -8.37 6.31 -11.58
N ALA A 182 -7.67 5.62 -10.69
CA ALA A 182 -6.40 4.97 -11.06
C ALA A 182 -6.60 3.81 -12.05
N ARG A 183 -7.67 3.04 -11.89
CA ARG A 183 -8.00 1.91 -12.80
C ARG A 183 -8.24 2.44 -14.21
N THR A 184 -8.78 3.65 -14.29
CA THR A 184 -9.15 4.28 -15.58
C THR A 184 -7.92 4.93 -16.21
N ALA A 185 -7.15 5.70 -15.43
CA ALA A 185 -6.04 6.53 -15.92
C ALA A 185 -4.71 5.80 -15.96
N HIS A 186 -4.54 4.68 -15.24
CA HIS A 186 -3.25 3.98 -15.08
C HIS A 186 -2.22 4.90 -14.40
N THR A 187 -2.70 5.75 -13.51
CA THR A 187 -1.89 6.63 -12.65
C THR A 187 -2.79 7.19 -11.55
N PHE A 188 -2.20 7.59 -10.42
CA PHE A 188 -2.88 8.31 -9.34
C PHE A 188 -2.64 9.81 -9.44
N ARG A 189 -1.84 10.25 -10.40
CA ARG A 189 -1.52 11.69 -10.64
C ARG A 189 -1.84 12.05 -12.10
N ALA A 190 -2.97 12.71 -12.30
CA ALA A 190 -3.54 13.01 -13.64
C ALA A 190 -2.43 13.45 -14.61
N LEU A 191 -2.45 12.95 -15.84
CA LEU A 191 -1.41 13.24 -16.86
C LEU A 191 -1.40 14.74 -17.16
N ASP A 192 -2.52 15.42 -16.98
CA ASP A 192 -2.67 16.89 -17.27
C ASP A 192 -2.25 17.72 -16.04
N GLU A 193 -1.79 17.09 -14.97
CA GLU A 193 -1.25 17.84 -13.81
C GLU A 193 -0.12 18.74 -14.30
N PRO A 194 -0.18 20.06 -14.01
CA PRO A 194 0.87 20.97 -14.46
C PRO A 194 2.18 20.75 -13.72
N GLY A 195 3.30 21.12 -14.34
CA GLY A 195 4.62 21.14 -13.67
C GLY A 195 5.41 19.86 -13.88
N PHE A 196 5.02 19.05 -14.85
CA PHE A 196 5.71 17.78 -15.15
C PHE A 196 5.87 17.65 -16.66
N ARG A 197 6.87 16.88 -17.07
CA ARG A 197 7.08 16.48 -18.47
C ARG A 197 7.32 14.98 -18.51
N LEU A 198 6.64 14.29 -19.42
CA LEU A 198 6.78 12.84 -19.61
C LEU A 198 8.07 12.56 -20.38
N LEU A 199 8.99 11.75 -19.84
CA LEU A 199 10.17 11.30 -20.62
C LEU A 199 9.72 10.30 -21.66
N PRO A 200 10.40 10.21 -22.82
CA PRO A 200 10.06 9.22 -23.83
C PRO A 200 10.45 7.79 -23.44
N ASP A 201 11.43 7.63 -22.56
CA ASP A 201 11.95 6.31 -22.12
C ASP A 201 10.87 5.59 -21.27
N THR A 202 10.51 4.38 -21.66
CA THR A 202 9.64 3.45 -20.89
C THR A 202 10.24 2.03 -20.88
N VAL A 203 9.75 1.17 -20.00
CA VAL A 203 10.18 -0.24 -19.96
C VAL A 203 8.93 -1.11 -19.89
N GLU A 204 9.05 -2.31 -20.40
CA GLU A 204 8.09 -3.40 -20.25
C GLU A 204 8.87 -4.66 -19.88
N VAL A 205 8.75 -5.16 -18.65
CA VAL A 205 9.54 -6.30 -18.11
C VAL A 205 8.64 -7.54 -18.01
N GLU A 206 9.05 -8.66 -18.57
CA GLU A 206 8.31 -9.93 -18.40
C GLU A 206 8.73 -10.48 -17.04
N HIS A 207 7.77 -10.79 -16.15
CA HIS A 207 8.01 -11.31 -14.80
C HIS A 207 7.18 -12.56 -14.57
N PRO A 208 7.74 -13.77 -14.75
CA PRO A 208 7.08 -14.97 -14.26
C PRO A 208 6.84 -14.87 -12.76
N VAL A 209 5.70 -15.35 -12.30
CA VAL A 209 5.46 -15.33 -10.82
C VAL A 209 6.60 -16.11 -10.14
N ASP A 210 7.23 -15.52 -9.13
CA ASP A 210 8.37 -16.13 -8.42
C ASP A 210 7.79 -16.95 -7.27
N ILE A 211 7.82 -18.29 -7.34
CA ILE A 211 7.07 -19.11 -6.37
C ILE A 211 7.89 -19.20 -5.08
N VAL A 212 9.13 -18.71 -5.09
CA VAL A 212 9.98 -18.63 -3.86
C VAL A 212 9.70 -17.30 -3.13
N ARG A 213 9.40 -16.21 -3.83
CA ARG A 213 9.32 -14.83 -3.25
C ARG A 213 7.98 -14.07 -3.39
N ASP A 214 7.05 -14.48 -4.23
CA ASP A 214 5.87 -13.63 -4.58
C ASP A 214 4.62 -14.23 -3.86
N VAL A 215 4.73 -15.41 -3.23
CA VAL A 215 3.54 -16.26 -2.87
C VAL A 215 3.35 -16.28 -1.35
N ASN A 216 2.11 -16.11 -0.91
CA ASN A 216 1.83 -16.12 0.55
C ASN A 216 1.51 -17.53 1.06
N GLY A 217 1.17 -17.57 2.34
CA GLY A 217 0.92 -18.81 3.10
C GLY A 217 -0.42 -19.45 2.74
N VAL A 218 -1.23 -18.85 1.86
CA VAL A 218 -2.51 -19.49 1.37
C VAL A 218 -2.49 -19.59 -0.16
N GLY A 219 -1.31 -19.42 -0.78
CA GLY A 219 -1.13 -19.76 -2.20
C GLY A 219 -1.59 -18.65 -3.14
N LEU A 220 -1.86 -17.46 -2.61
CA LEU A 220 -2.15 -16.23 -3.43
C LEU A 220 -0.88 -15.42 -3.64
N LEU A 221 -0.85 -14.56 -4.67
CA LEU A 221 0.21 -13.52 -4.73
C LEU A 221 0.12 -12.68 -3.47
N TYR A 222 1.24 -12.48 -2.80
CA TYR A 222 1.32 -11.76 -1.49
C TYR A 222 1.21 -10.26 -1.76
N PHE A 223 0.38 -9.54 -1.00
CA PHE A 223 0.22 -8.09 -1.26
C PHE A 223 1.55 -7.36 -1.25
N ALA A 224 2.51 -7.71 -0.38
CA ALA A 224 3.77 -6.97 -0.31
C ALA A 224 4.59 -7.18 -1.58
N SER A 225 4.50 -8.35 -2.19
CA SER A 225 5.32 -8.65 -3.39
CA SER A 225 5.25 -8.71 -3.43
C SER A 225 4.85 -7.78 -4.57
N TYR A 226 3.67 -7.23 -4.55
CA TYR A 226 3.28 -6.23 -5.60
C TYR A 226 4.16 -4.99 -5.50
N PHE A 227 4.53 -4.58 -4.29
CA PHE A 227 5.48 -3.47 -4.09
C PHE A 227 6.85 -3.85 -4.65
N SER A 228 7.30 -5.06 -4.40
N SER A 228 7.34 -5.07 -4.45
CA SER A 228 8.58 -5.58 -4.93
CA SER A 228 8.68 -5.44 -4.98
C SER A 228 8.57 -5.52 -6.47
C SER A 228 8.62 -5.57 -6.51
N MET A 229 7.52 -6.05 -7.10
CA MET A 229 7.38 -6.07 -8.59
C MET A 229 7.38 -4.62 -9.11
N VAL A 230 6.71 -3.69 -8.43
CA VAL A 230 6.72 -2.28 -8.85
C VAL A 230 8.14 -1.74 -8.79
N ASP A 231 8.89 -2.02 -7.72
CA ASP A 231 10.29 -1.51 -7.64
C ASP A 231 11.19 -2.20 -8.66
N LYS A 232 10.93 -3.45 -9.03
CA LYS A 232 11.70 -4.14 -10.11
C LYS A 232 11.48 -3.36 -11.41
N ALA A 233 10.25 -2.94 -11.69
CA ALA A 233 9.96 -2.15 -12.92
C ALA A 233 10.63 -0.78 -12.80
N ALA A 234 10.54 -0.15 -11.64
CA ALA A 234 11.12 1.19 -11.43
C ALA A 234 12.65 1.11 -11.62
N LEU A 235 13.29 0.07 -11.10
CA LEU A 235 14.75 -0.10 -11.24
C LEU A 235 15.08 -0.34 -12.71
N ALA A 236 14.32 -1.16 -13.45
CA ALA A 236 14.54 -1.37 -14.89
C ALA A 236 14.54 -0.01 -15.61
N LEU A 237 13.57 0.85 -15.33
CA LEU A 237 13.51 2.19 -15.96
C LEU A 237 14.71 3.07 -15.53
N TRP A 238 15.10 3.00 -14.26
CA TRP A 238 16.19 3.82 -13.68
C TRP A 238 17.49 3.48 -14.43
N ARG A 239 17.69 2.20 -14.70
CA ARG A 239 18.91 1.66 -15.38
C ARG A 239 18.85 2.07 -16.85
N ARG A 240 17.65 2.01 -17.45
CA ARG A 240 17.40 2.45 -18.85
C ARG A 240 17.84 3.90 -19.00
N LEU A 241 17.66 4.74 -17.98
CA LEU A 241 18.00 6.18 -18.02
C LEU A 241 19.47 6.42 -17.65
N GLY A 242 20.26 5.35 -17.45
CA GLY A 242 21.71 5.42 -17.22
C GLY A 242 22.09 5.75 -15.78
N ARG A 243 21.17 5.60 -14.84
CA ARG A 243 21.38 5.95 -13.43
C ARG A 243 21.92 4.75 -12.64
N SER A 244 22.59 5.02 -11.53
CA SER A 244 23.40 4.03 -10.76
C SER A 244 22.55 3.27 -9.73
N ASP A 245 22.96 2.06 -9.35
CA ASP A 245 22.34 1.29 -8.23
C ASP A 245 22.44 2.05 -6.92
N ARG A 246 23.59 2.65 -6.62
CA ARG A 246 23.75 3.42 -5.37
C ARG A 246 22.72 4.54 -5.35
N ALA A 247 22.46 5.17 -6.50
CA ALA A 247 21.52 6.32 -6.59
C ALA A 247 20.08 5.81 -6.38
N PHE A 248 19.76 4.62 -6.90
CA PHE A 248 18.43 3.98 -6.67
C PHE A 248 18.23 3.75 -5.17
N LEU A 249 19.28 3.34 -4.44
CA LEU A 249 19.15 3.06 -2.99
C LEU A 249 19.07 4.33 -2.17
N ARG A 250 19.33 5.48 -2.76
CA ARG A 250 19.22 6.82 -2.13
C ARG A 250 17.87 7.47 -2.45
N ARG A 251 17.03 6.91 -3.34
CA ARG A 251 15.74 7.55 -3.69
C ARG A 251 14.85 7.77 -2.48
N VAL A 252 14.27 8.93 -2.43
CA VAL A 252 13.31 9.32 -1.37
C VAL A 252 11.91 9.18 -1.98
N VAL A 253 11.14 8.22 -1.51
CA VAL A 253 9.74 8.03 -1.98
C VAL A 253 8.85 8.76 -1.00
N VAL A 254 8.36 9.96 -1.36
CA VAL A 254 7.53 10.78 -0.44
C VAL A 254 6.07 10.38 -0.51
N ASP A 255 5.65 9.64 -1.54
CA ASP A 255 4.24 9.20 -1.62
C ASP A 255 4.16 8.00 -2.54
N GLN A 256 3.42 6.99 -2.14
CA GLN A 256 3.19 5.85 -3.08
C GLN A 256 1.74 5.39 -2.91
N GLN A 257 1.07 5.05 -4.01
CA GLN A 257 -0.32 4.56 -4.03
C GLN A 257 -0.32 3.31 -4.91
N MET A 258 -1.07 2.32 -4.45
CA MET A 258 -1.19 1.00 -5.10
C MET A 258 -2.66 0.62 -5.15
N CYS A 259 -3.15 0.23 -6.31
CA CYS A 259 -4.47 -0.42 -6.45
C CYS A 259 -4.28 -1.86 -6.90
N TYR A 260 -4.81 -2.83 -6.14
CA TYR A 260 -4.81 -4.26 -6.43
C TYR A 260 -6.08 -4.68 -7.14
N LEU A 261 -6.07 -4.68 -8.45
CA LEU A 261 -7.29 -5.03 -9.24
C LEU A 261 -7.54 -6.52 -9.27
N GLY A 262 -6.49 -7.34 -9.18
CA GLY A 262 -6.62 -8.79 -9.22
C GLY A 262 -5.45 -9.47 -8.55
N ASN A 263 -5.61 -10.76 -8.37
CA ASN A 263 -4.53 -11.68 -7.97
C ASN A 263 -4.15 -12.45 -9.24
N ALA A 264 -3.40 -13.52 -9.15
CA ALA A 264 -2.96 -14.24 -10.37
C ALA A 264 -2.54 -15.67 -10.01
N ASP A 265 -2.78 -16.59 -10.92
CA ASP A 265 -2.36 -17.97 -10.72
C ASP A 265 -0.83 -18.05 -10.70
N LEU A 266 -0.31 -19.06 -10.00
CA LEU A 266 1.14 -19.11 -9.70
C LEU A 266 1.97 -19.48 -10.93
N ASP A 267 1.34 -19.94 -12.00
CA ASP A 267 2.09 -20.19 -13.27
C ASP A 267 1.96 -19.01 -14.23
N SER A 268 1.39 -17.89 -13.80
CA SER A 268 1.25 -16.70 -14.69
C SER A 268 2.58 -16.03 -15.04
N VAL A 269 2.66 -15.49 -16.23
CA VAL A 269 3.74 -14.57 -16.61
C VAL A 269 3.17 -13.15 -16.64
N LEU A 270 3.61 -12.30 -15.73
CA LEU A 270 3.09 -10.92 -15.63
C LEU A 270 3.97 -10.00 -16.45
N THR A 271 3.43 -8.87 -16.83
CA THR A 271 4.17 -7.78 -17.49
C THR A 271 4.17 -6.54 -16.60
N LEU A 272 5.33 -5.94 -16.42
CA LEU A 272 5.48 -4.76 -15.57
C LEU A 272 5.84 -3.62 -16.50
N GLY A 273 4.96 -2.66 -16.69
CA GLY A 273 5.20 -1.50 -17.55
C GLY A 273 5.50 -0.27 -16.73
N ALA A 274 6.55 0.50 -17.06
CA ALA A 274 6.82 1.72 -16.28
C ALA A 274 7.11 2.93 -17.18
N ARG A 275 6.65 4.07 -16.73
CA ARG A 275 6.89 5.41 -17.36
C ARG A 275 7.20 6.44 -16.30
N VAL A 276 7.81 7.55 -16.71
CA VAL A 276 8.21 8.59 -15.73
C VAL A 276 7.93 10.00 -16.27
N ARG A 277 7.48 10.85 -15.37
CA ARG A 277 7.38 12.32 -15.57
C ARG A 277 8.39 13.01 -14.66
N VAL A 278 9.14 14.00 -15.17
CA VAL A 278 10.10 14.77 -14.34
C VAL A 278 9.50 16.15 -14.10
N SER A 279 9.83 16.73 -12.95
CA SER A 279 9.36 18.08 -12.58
C SER A 279 10.06 19.09 -13.51
N THR A 280 9.30 20.07 -13.99
CA THR A 280 9.84 21.27 -14.70
C THR A 280 10.04 22.39 -13.68
N GLU A 281 9.76 22.15 -12.41
CA GLU A 281 9.88 23.15 -11.31
C GLU A 281 11.03 22.74 -10.40
N THR A 282 11.00 21.52 -9.85
CA THR A 282 11.92 21.05 -8.78
C THR A 282 12.87 20.00 -9.36
N PRO A 283 14.18 20.29 -9.47
CA PRO A 283 15.16 19.30 -9.91
C PRO A 283 15.00 18.02 -9.06
N GLY A 284 15.14 16.85 -9.68
CA GLY A 284 15.17 15.55 -9.00
C GLY A 284 13.78 15.04 -8.65
N GLU A 285 12.70 15.80 -8.83
CA GLU A 285 11.33 15.32 -8.45
C GLU A 285 10.71 14.60 -9.64
N GLU A 286 10.19 13.39 -9.45
CA GLU A 286 9.61 12.62 -10.57
C GLU A 286 8.35 11.87 -10.10
N LEU A 287 7.49 11.52 -11.03
CA LEU A 287 6.31 10.64 -10.83
C LEU A 287 6.53 9.41 -11.67
N VAL A 288 6.60 8.24 -11.04
CA VAL A 288 6.77 6.99 -11.79
C VAL A 288 5.45 6.22 -11.71
N ASP A 289 4.94 5.81 -12.87
CA ASP A 289 3.73 4.96 -12.92
C ASP A 289 4.10 3.55 -13.36
N VAL A 290 3.59 2.57 -12.64
CA VAL A 290 3.79 1.16 -12.98
C VAL A 290 2.44 0.47 -13.13
N VAL A 291 2.28 -0.27 -14.21
CA VAL A 291 1.07 -1.09 -14.44
C VAL A 291 1.53 -2.55 -14.51
N ILE A 292 0.88 -3.41 -13.77
CA ILE A 292 1.12 -4.87 -13.77
C ILE A 292 -0.03 -5.54 -14.53
N SER A 293 0.30 -6.20 -15.66
CA SER A 293 -0.69 -6.87 -16.53
C SER A 293 -0.52 -8.37 -16.42
N ASP A 294 -1.63 -9.10 -16.56
CA ASP A 294 -1.68 -10.53 -16.88
C ASP A 294 -2.23 -10.66 -18.31
N ARG A 295 -1.31 -10.65 -19.26
CA ARG A 295 -1.64 -10.63 -20.71
C ARG A 295 -2.54 -11.82 -21.06
N ASP A 296 -2.27 -13.02 -20.53
CA ASP A 296 -2.98 -14.25 -20.96
C ASP A 296 -4.44 -14.18 -20.57
N SER A 297 -4.82 -13.49 -19.49
CA SER A 297 -6.24 -13.35 -19.08
C SER A 297 -6.77 -11.98 -19.46
N GLY A 298 -5.96 -11.12 -20.07
CA GLY A 298 -6.41 -9.77 -20.46
C GLY A 298 -6.73 -8.83 -19.32
N ARG A 299 -6.07 -9.01 -18.16
CA ARG A 299 -6.39 -8.21 -16.95
C ARG A 299 -5.23 -7.30 -16.59
N VAL A 300 -5.55 -6.06 -16.20
CA VAL A 300 -4.64 -5.21 -15.41
C VAL A 300 -4.86 -5.65 -13.95
N ILE A 301 -3.81 -6.13 -13.31
CA ILE A 301 -3.98 -6.62 -11.89
C ILE A 301 -3.45 -5.61 -10.89
N ALA A 302 -2.65 -4.63 -11.26
CA ALA A 302 -2.26 -3.56 -10.34
C ALA A 302 -1.85 -2.30 -11.07
N VAL A 303 -2.05 -1.16 -10.40
CA VAL A 303 -1.48 0.15 -10.81
C VAL A 303 -0.80 0.77 -9.60
N SER A 304 0.36 1.38 -9.81
CA SER A 304 1.07 2.11 -8.73
C SER A 304 1.62 3.43 -9.27
N THR A 305 1.58 4.44 -8.43
CA THR A 305 2.28 5.71 -8.69
C THR A 305 3.22 6.01 -7.52
N LEU A 306 4.47 6.37 -7.82
CA LEU A 306 5.48 6.78 -6.82
C LEU A 306 5.82 8.23 -7.09
N HIS A 307 5.77 9.01 -6.05
CA HIS A 307 6.30 10.41 -6.08
C HIS A 307 7.64 10.39 -5.40
N THR A 308 8.69 10.75 -6.14
CA THR A 308 10.07 10.58 -5.64
C THR A 308 10.84 11.90 -5.73
N GLN A 309 11.89 11.96 -4.91
CA GLN A 309 12.95 13.00 -4.94
C GLN A 309 14.29 12.23 -4.97
N HIS A 310 15.15 12.51 -5.94
CA HIS A 310 16.46 11.82 -6.09
C HIS A 310 17.57 12.83 -6.42
N ASP A 311 18.83 12.37 -6.40
CA ASP A 311 20.08 13.15 -6.64
C ASP A 311 20.96 12.44 -7.69
N ALA A 312 20.54 12.46 -8.97
CA ALA A 312 21.15 11.76 -10.12
C ALA A 312 21.07 10.24 -9.89
#